data_5XBY
#
_entry.id   5XBY
#
_cell.length_a   75.988
_cell.length_b   174.147
_cell.length_c   103.611
_cell.angle_alpha   90.00
_cell.angle_beta   90.00
_cell.angle_gamma   90.00
#
_symmetry.space_group_name_H-M   'C 2 2 21'
#
_entity_poly.entity_id   1
_entity_poly.type   'polypeptide(L)'
_entity_poly.pdbx_seq_one_letter_code
;GSPWQIPPGLTELLQGYTVEVLRQQPPDLVEFAVEYFTRLREARNKEQQNAFYEILHLPNLNEEQRNAFIQSLKDDPSQS
ANLLAEAKKLNDAQAPK
;
_entity_poly.pdbx_strand_id   A,B,C,D
#
# COMPACT_ATOMS: atom_id res chain seq x y z
N ILE A 6 12.96 -1.95 -20.56
CA ILE A 6 11.54 -2.04 -20.14
C ILE A 6 10.61 -1.53 -21.23
N PRO A 7 9.73 -2.39 -21.76
CA PRO A 7 8.71 -1.95 -22.70
C PRO A 7 7.85 -0.83 -22.11
N PRO A 8 7.49 0.16 -22.93
CA PRO A 8 6.57 1.19 -22.51
C PRO A 8 5.23 0.59 -22.06
N GLY A 9 4.70 1.16 -20.99
CA GLY A 9 3.45 0.73 -20.43
C GLY A 9 3.56 -0.30 -19.33
N LEU A 10 4.69 -1.01 -19.25
CA LEU A 10 4.82 -2.10 -18.30
C LEU A 10 4.81 -1.59 -16.87
N THR A 11 5.42 -0.43 -16.63
CA THR A 11 5.46 0.12 -15.30
C THR A 11 4.08 0.58 -14.83
N GLU A 12 3.36 1.29 -15.68
CA GLU A 12 2.03 1.80 -15.32
C GLU A 12 1.10 0.64 -15.09
N LEU A 13 1.19 -0.38 -15.94
CA LEU A 13 0.36 -1.56 -15.81
C LEU A 13 0.61 -2.27 -14.47
N LEU A 14 1.86 -2.55 -14.15
CA LEU A 14 2.17 -3.26 -12.92
C LEU A 14 1.94 -2.40 -11.68
N GLN A 15 2.11 -1.10 -11.83
CA GLN A 15 1.77 -0.21 -10.73
C GLN A 15 0.28 -0.32 -10.40
N GLY A 16 -0.56 -0.27 -11.44
CA GLY A 16 -2.02 -0.32 -11.24
C GLY A 16 -2.48 -1.55 -10.46
N TYR A 17 -1.96 -2.69 -10.90
CA TYR A 17 -2.17 -3.92 -10.16
C TYR A 17 -1.66 -3.78 -8.72
N THR A 18 -0.49 -3.17 -8.54
CA THR A 18 0.11 -3.09 -7.21
C THR A 18 -0.74 -2.26 -6.25
N VAL A 19 -1.30 -1.16 -6.73
CA VAL A 19 -2.14 -0.30 -5.88
C VAL A 19 -3.37 -1.07 -5.39
N GLU A 20 -4.00 -1.81 -6.30
CA GLU A 20 -5.20 -2.57 -5.94
C GLU A 20 -4.92 -3.70 -5.00
N VAL A 21 -3.74 -4.31 -5.12
CA VAL A 21 -3.31 -5.33 -4.17
C VAL A 21 -3.21 -4.68 -2.79
N LEU A 22 -2.65 -3.48 -2.74
CA LEU A 22 -2.55 -2.83 -1.43
C LEU A 22 -3.94 -2.41 -0.95
N ARG A 23 -4.77 -1.92 -1.88
CA ARG A 23 -6.12 -1.48 -1.51
C ARG A 23 -6.95 -2.61 -0.88
N GLN A 24 -6.94 -3.77 -1.53
CA GLN A 24 -7.84 -4.85 -1.27
C GLN A 24 -7.31 -6.00 -0.45
N GLN A 25 -5.98 -6.14 -0.32
CA GLN A 25 -5.37 -7.30 0.36
C GLN A 25 -6.02 -8.66 -0.02
N PRO A 26 -6.01 -9.03 -1.30
CA PRO A 26 -6.48 -10.36 -1.68
C PRO A 26 -5.69 -11.47 -1.04
N PRO A 27 -6.30 -12.60 -0.74
CA PRO A 27 -5.59 -13.74 -0.15
C PRO A 27 -4.63 -14.47 -1.07
N ASP A 28 -4.80 -14.40 -2.39
CA ASP A 28 -3.84 -15.01 -3.32
C ASP A 28 -3.52 -14.05 -4.40
N LEU A 29 -2.28 -13.56 -4.46
CA LEU A 29 -1.80 -12.64 -5.50
C LEU A 29 -1.97 -13.14 -6.93
N VAL A 30 -1.79 -14.45 -7.14
CA VAL A 30 -1.86 -15.01 -8.50
C VAL A 30 -3.32 -15.03 -8.97
N GLU A 31 -4.20 -15.51 -8.07
CA GLU A 31 -5.61 -15.58 -8.36
C GLU A 31 -6.17 -14.19 -8.60
N PHE A 32 -5.74 -13.23 -7.78
CA PHE A 32 -6.15 -11.81 -7.97
C PHE A 32 -5.62 -11.26 -9.27
N ALA A 33 -4.43 -11.69 -9.66
CA ALA A 33 -3.81 -11.26 -10.92
C ALA A 33 -4.69 -11.68 -12.08
N VAL A 34 -5.13 -12.93 -12.10
CA VAL A 34 -6.05 -13.38 -13.12
C VAL A 34 -7.33 -12.55 -13.09
N GLU A 35 -7.82 -12.28 -11.88
CA GLU A 35 -8.99 -11.41 -11.67
C GLU A 35 -8.73 -9.99 -12.25
N TYR A 36 -7.65 -9.37 -11.79
CA TYR A 36 -7.40 -7.96 -12.06
C TYR A 36 -7.21 -7.71 -13.55
N PHE A 37 -6.34 -8.51 -14.17
CA PHE A 37 -6.01 -8.23 -15.58
C PHE A 37 -7.11 -8.60 -16.55
N THR A 38 -7.90 -9.61 -16.19
CA THR A 38 -9.08 -9.94 -16.96
C THR A 38 -10.04 -8.75 -17.00
N ARG A 39 -10.32 -8.14 -15.84
CA ARG A 39 -11.23 -6.97 -15.79
C ARG A 39 -10.68 -5.79 -16.59
N LEU A 40 -9.36 -5.65 -16.51
CA LEU A 40 -8.68 -4.65 -17.29
C LEU A 40 -8.75 -4.92 -18.79
N ARG A 41 -8.63 -6.18 -19.15
CA ARG A 41 -8.77 -6.57 -20.55
C ARG A 41 -10.18 -6.25 -21.03
N GLU A 42 -11.16 -6.58 -20.19
CA GLU A 42 -12.57 -6.35 -20.54
C GLU A 42 -12.86 -4.89 -20.74
N ALA A 43 -12.21 -4.03 -19.97
CA ALA A 43 -12.41 -2.60 -20.17
C ALA A 43 -11.78 -2.06 -21.48
N PRO B 3 -4.73 -5.23 7.10
CA PRO B 3 -4.08 -3.99 7.47
C PRO B 3 -3.95 -3.31 6.15
N TRP B 4 -2.82 -2.66 5.91
CA TRP B 4 -2.48 -2.11 4.62
C TRP B 4 -1.10 -2.57 4.06
N GLN B 5 -0.72 -3.79 4.44
CA GLN B 5 0.69 -4.16 4.29
C GLN B 5 1.14 -4.46 2.88
N ILE B 6 2.42 -4.72 2.76
CA ILE B 6 3.03 -5.02 1.47
C ILE B 6 3.06 -6.53 1.42
N PRO B 7 2.39 -7.11 0.43
CA PRO B 7 2.29 -8.59 0.42
C PRO B 7 3.67 -9.20 0.30
N PRO B 8 4.00 -10.19 1.14
CA PRO B 8 5.24 -10.96 0.88
C PRO B 8 5.12 -11.67 -0.46
N GLY B 9 6.19 -11.66 -1.23
CA GLY B 9 6.20 -12.30 -2.54
C GLY B 9 5.67 -11.46 -3.69
N LEU B 10 5.19 -10.27 -3.41
CA LEU B 10 4.70 -9.36 -4.45
C LEU B 10 5.79 -8.98 -5.43
N THR B 11 6.96 -8.74 -4.88
CA THR B 11 8.12 -8.36 -5.70
C THR B 11 8.57 -9.49 -6.60
N GLU B 12 8.72 -10.68 -6.06
CA GLU B 12 9.16 -11.84 -6.82
C GLU B 12 8.16 -12.15 -7.92
N LEU B 13 6.87 -12.09 -7.57
CA LEU B 13 5.82 -12.40 -8.51
C LEU B 13 5.80 -11.38 -9.66
N LEU B 14 5.87 -10.09 -9.34
CA LEU B 14 5.99 -9.10 -10.41
C LEU B 14 7.27 -9.23 -11.20
N GLN B 15 8.33 -9.62 -10.51
CA GLN B 15 9.62 -9.76 -11.14
C GLN B 15 9.57 -10.80 -12.27
N GLY B 16 9.03 -11.95 -11.98
CA GLY B 16 8.94 -13.03 -12.94
C GLY B 16 8.07 -12.71 -14.11
N TYR B 17 6.95 -12.04 -13.92
CA TYR B 17 6.16 -11.60 -15.07
C TYR B 17 7.02 -10.74 -16.00
N THR B 18 7.77 -9.81 -15.42
CA THR B 18 8.55 -8.88 -16.23
C THR B 18 9.62 -9.63 -17.07
N VAL B 19 10.33 -10.55 -16.43
CA VAL B 19 11.38 -11.28 -17.09
C VAL B 19 10.85 -12.06 -18.31
N GLU B 20 9.70 -12.68 -18.15
CA GLU B 20 9.01 -13.37 -19.20
C GLU B 20 8.50 -12.43 -20.26
N VAL B 21 8.13 -11.19 -19.88
CA VAL B 21 7.79 -10.17 -20.88
C VAL B 21 9.01 -9.95 -21.77
N LEU B 22 10.18 -10.02 -21.18
CA LEU B 22 11.39 -9.82 -21.96
C LEU B 22 11.52 -10.88 -23.05
N ARG B 23 11.58 -12.14 -22.63
CA ARG B 23 11.70 -13.28 -23.53
C ARG B 23 10.81 -13.27 -24.75
N GLN B 24 9.51 -13.15 -24.56
CA GLN B 24 8.60 -13.22 -25.69
C GLN B 24 8.17 -11.90 -26.29
N GLN B 25 8.47 -10.79 -25.65
CA GLN B 25 8.02 -9.54 -26.27
C GLN B 25 6.60 -9.59 -26.85
N PRO B 26 5.60 -9.88 -25.98
CA PRO B 26 4.23 -9.86 -26.44
C PRO B 26 3.81 -8.45 -26.89
N PRO B 27 2.94 -8.37 -27.91
CA PRO B 27 2.49 -7.05 -28.37
C PRO B 27 1.48 -6.36 -27.45
N ASP B 28 0.76 -7.15 -26.64
CA ASP B 28 -0.20 -6.60 -25.71
C ASP B 28 0.13 -7.15 -24.34
N LEU B 29 0.62 -6.25 -23.49
CA LEU B 29 0.99 -6.59 -22.10
C LEU B 29 -0.17 -7.10 -21.26
N VAL B 30 -1.38 -6.57 -21.50
CA VAL B 30 -2.56 -6.96 -20.76
C VAL B 30 -2.98 -8.36 -21.14
N GLU B 31 -3.07 -8.62 -22.43
CA GLU B 31 -3.46 -9.95 -22.92
C GLU B 31 -2.46 -11.02 -22.42
N PHE B 32 -1.18 -10.67 -22.43
CA PHE B 32 -0.15 -11.60 -21.96
C PHE B 32 -0.24 -11.85 -20.48
N ALA B 33 -0.60 -10.82 -19.73
CA ALA B 33 -0.79 -10.97 -18.28
C ALA B 33 -1.91 -11.98 -17.99
N VAL B 34 -3.05 -11.78 -18.66
CA VAL B 34 -4.14 -12.76 -18.50
C VAL B 34 -3.56 -14.15 -18.78
N GLU B 35 -2.79 -14.27 -19.85
CA GLU B 35 -2.20 -15.52 -20.23
C GLU B 35 -1.20 -16.04 -19.20
N TYR B 36 -0.28 -15.19 -18.75
CA TYR B 36 0.79 -15.61 -17.85
C TYR B 36 0.24 -16.13 -16.53
N PHE B 37 -0.65 -15.33 -15.92
CA PHE B 37 -1.16 -15.65 -14.60
C PHE B 37 -2.17 -16.78 -14.61
N THR B 38 -2.93 -16.92 -15.70
CA THR B 38 -3.78 -18.10 -15.85
C THR B 38 -2.93 -19.36 -15.83
N ARG B 39 -1.86 -19.39 -16.64
CA ARG B 39 -0.98 -20.55 -16.73
C ARG B 39 -0.19 -20.76 -15.49
N LEU B 40 0.20 -19.65 -14.86
CA LEU B 40 0.84 -19.74 -13.55
C LEU B 40 -0.15 -20.25 -12.50
N ARG B 41 -1.43 -19.86 -12.59
CA ARG B 41 -2.40 -20.49 -11.70
C ARG B 41 -2.53 -21.96 -11.96
N GLU B 42 -2.76 -22.36 -13.22
CA GLU B 42 -2.99 -23.76 -13.58
C GLU B 42 -1.84 -24.65 -13.17
N ALA B 43 -0.62 -24.10 -13.29
CA ALA B 43 0.55 -24.82 -12.83
C ALA B 43 0.56 -25.08 -11.37
N ARG B 44 -0.05 -24.20 -10.61
CA ARG B 44 -0.01 -24.42 -9.20
C ARG B 44 -1.07 -25.39 -8.84
N ASN B 45 -2.18 -25.37 -9.56
CA ASN B 45 -3.26 -26.27 -9.14
C ASN B 45 -2.77 -27.61 -9.50
N LYS B 46 -2.27 -27.75 -10.71
CA LYS B 46 -1.67 -28.98 -11.18
C LYS B 46 -0.62 -29.45 -10.19
N GLU B 47 0.34 -28.63 -9.84
CA GLU B 47 1.35 -29.07 -8.89
C GLU B 47 0.80 -29.45 -7.54
N GLN B 48 -0.30 -28.86 -7.07
CA GLN B 48 -0.80 -29.26 -5.78
C GLN B 48 -1.58 -30.51 -5.84
N GLN B 49 -2.46 -30.65 -6.82
CA GLN B 49 -3.20 -31.88 -6.92
C GLN B 49 -2.27 -33.05 -6.75
N ASN B 50 -1.27 -33.12 -7.57
CA ASN B 50 -0.31 -34.22 -7.58
C ASN B 50 0.35 -34.56 -6.30
N ALA B 51 0.65 -33.58 -5.49
CA ALA B 51 1.28 -33.85 -4.24
C ALA B 51 0.34 -34.69 -3.41
N PHE B 52 -0.88 -34.21 -3.24
CA PHE B 52 -1.90 -34.84 -2.43
C PHE B 52 -1.95 -36.32 -2.57
N TYR B 53 -2.08 -36.79 -3.80
CA TYR B 53 -2.10 -38.20 -4.05
C TYR B 53 -0.78 -38.81 -3.62
N GLU B 54 0.31 -38.44 -4.26
CA GLU B 54 1.52 -39.17 -3.92
C GLU B 54 1.60 -39.49 -2.43
N ILE B 55 1.45 -38.46 -1.59
CA ILE B 55 1.33 -38.62 -0.15
C ILE B 55 0.21 -39.60 0.21
N LEU B 56 -0.87 -39.54 -0.56
CA LEU B 56 -1.97 -40.44 -0.31
C LEU B 56 -1.66 -41.95 -0.21
N HIS B 57 -0.79 -42.44 -1.11
CA HIS B 57 -0.45 -43.85 -1.17
C HIS B 57 1.02 -44.23 -0.84
N LEU B 58 1.72 -43.31 -0.16
CA LEU B 58 3.10 -43.49 0.25
C LEU B 58 2.95 -44.61 1.25
N PRO B 59 3.55 -45.77 0.95
CA PRO B 59 3.19 -47.01 1.67
C PRO B 59 3.71 -47.12 3.11
N ASN B 60 4.84 -46.47 3.43
CA ASN B 60 5.45 -46.64 4.76
C ASN B 60 5.02 -45.60 5.79
N LEU B 61 4.06 -44.74 5.44
CA LEU B 61 3.54 -43.76 6.38
C LEU B 61 2.44 -44.46 7.16
N ASN B 62 2.44 -44.33 8.49
CA ASN B 62 1.26 -44.71 9.29
C ASN B 62 0.12 -43.72 8.96
N GLU B 63 -1.10 -44.08 9.30
CA GLU B 63 -2.26 -43.25 9.07
C GLU B 63 -2.21 -41.80 9.65
N GLU B 64 -1.63 -41.64 10.84
CA GLU B 64 -1.58 -40.33 11.50
C GLU B 64 -0.64 -39.31 10.81
N GLN B 65 0.43 -39.81 10.21
CA GLN B 65 1.43 -38.99 9.52
C GLN B 65 0.90 -38.50 8.17
N ARG B 66 0.37 -39.45 7.38
CA ARG B 66 -0.35 -39.21 6.13
C ARG B 66 -1.42 -38.13 6.33
N ASN B 67 -2.20 -38.24 7.41
CA ASN B 67 -3.19 -37.21 7.74
C ASN B 67 -2.62 -35.84 8.05
N ALA B 68 -1.58 -35.78 8.90
CA ALA B 68 -0.92 -34.50 9.23
C ALA B 68 -0.44 -33.75 7.99
N PHE B 69 0.22 -34.51 7.09
CA PHE B 69 0.81 -33.95 5.88
C PHE B 69 -0.28 -33.49 4.93
N ILE B 70 -1.31 -34.32 4.80
CA ILE B 70 -2.44 -34.02 3.91
C ILE B 70 -3.22 -32.84 4.46
N GLN B 71 -3.36 -32.82 5.78
CA GLN B 71 -3.99 -31.68 6.45
C GLN B 71 -3.21 -30.37 6.20
N SER B 72 -1.88 -30.44 6.34
CA SER B 72 -1.04 -29.26 6.09
C SER B 72 -1.09 -28.87 4.62
N LEU B 73 -1.27 -29.87 3.77
CA LEU B 73 -1.29 -29.63 2.35
C LEU B 73 -2.56 -28.89 1.90
N LYS B 74 -3.69 -29.33 2.46
CA LYS B 74 -4.99 -28.72 2.16
C LYS B 74 -5.05 -27.30 2.71
N ASP B 75 -4.44 -27.08 3.86
CA ASP B 75 -4.42 -25.76 4.48
C ASP B 75 -3.48 -24.77 3.81
N ASP B 76 -2.39 -25.25 3.20
CA ASP B 76 -1.33 -24.37 2.67
C ASP B 76 -0.71 -24.92 1.38
N PRO B 77 -1.35 -24.63 0.22
CA PRO B 77 -0.88 -24.99 -1.10
C PRO B 77 0.54 -24.50 -1.44
N SER B 78 0.91 -23.35 -0.89
CA SER B 78 2.20 -22.72 -1.28
C SER B 78 3.43 -23.62 -0.97
N GLN B 79 3.36 -24.32 0.17
CA GLN B 79 4.43 -25.20 0.56
C GLN B 79 4.13 -26.65 0.23
N SER B 80 3.54 -26.90 -0.92
CA SER B 80 3.30 -28.27 -1.37
C SER B 80 4.60 -29.00 -1.71
N ALA B 81 5.60 -28.27 -2.22
CA ALA B 81 6.93 -28.85 -2.46
C ALA B 81 7.63 -29.19 -1.13
N ASN B 82 7.53 -28.28 -0.17
CA ASN B 82 8.09 -28.50 1.16
C ASN B 82 7.53 -29.76 1.83
N LEU B 83 6.21 -29.98 1.68
CA LEU B 83 5.52 -31.06 2.39
C LEU B 83 5.72 -32.41 1.73
N LEU B 84 5.77 -32.40 0.39
CA LEU B 84 6.03 -33.60 -0.42
C LEU B 84 7.45 -34.10 -0.14
N ALA B 85 8.39 -33.17 0.02
CA ALA B 85 9.76 -33.52 0.35
C ALA B 85 9.83 -34.16 1.75
N GLU B 86 9.20 -33.49 2.73
CA GLU B 86 9.21 -33.94 4.13
C GLU B 86 8.51 -35.32 4.27
N ALA B 87 7.45 -35.51 3.50
CA ALA B 87 6.68 -36.75 3.59
C ALA B 87 7.44 -37.91 2.93
N LYS B 88 8.25 -37.59 1.92
CA LYS B 88 9.08 -38.60 1.27
C LYS B 88 10.32 -38.97 2.10
N LYS B 89 10.95 -37.96 2.69
CA LYS B 89 12.05 -38.20 3.62
C LYS B 89 11.59 -39.07 4.81
N LEU B 90 10.51 -38.68 5.48
CA LEU B 90 9.97 -39.48 6.58
C LEU B 90 9.48 -40.87 6.10
N ASN B 91 9.15 -40.98 4.81
CA ASN B 91 8.65 -42.25 4.30
C ASN B 91 9.77 -43.22 4.00
N ASP B 92 10.83 -42.68 3.38
CA ASP B 92 12.00 -43.45 2.97
C ASP B 92 12.70 -44.05 4.19
N ALA B 93 12.94 -43.21 5.20
CA ALA B 93 13.42 -43.59 6.53
C ALA B 93 12.57 -44.65 7.27
N GLN B 94 11.27 -44.69 6.97
CA GLN B 94 10.33 -45.61 7.60
C GLN B 94 10.22 -46.96 6.85
N ALA B 95 11.12 -47.22 5.89
CA ALA B 95 10.96 -48.40 5.01
C ALA B 95 11.30 -49.71 5.71
N ILE C 6 -14.36 3.01 9.52
CA ILE C 6 -13.70 3.82 8.47
C ILE C 6 -14.70 4.74 7.79
N PRO C 7 -14.48 6.06 7.88
CA PRO C 7 -15.31 7.01 7.15
C PRO C 7 -15.25 6.74 5.65
N PRO C 8 -16.38 6.88 4.95
CA PRO C 8 -16.36 6.84 3.49
C PRO C 8 -15.40 7.88 2.90
N GLY C 9 -14.66 7.47 1.88
CA GLY C 9 -13.66 8.31 1.28
C GLY C 9 -12.30 8.22 1.88
N LEU C 10 -12.14 7.59 3.05
CA LEU C 10 -10.79 7.52 3.66
C LEU C 10 -9.89 6.65 2.82
N THR C 11 -10.42 5.53 2.34
CA THR C 11 -9.62 4.58 1.60
C THR C 11 -9.28 5.17 0.22
N GLU C 12 -10.24 5.76 -0.47
CA GLU C 12 -9.96 6.33 -1.77
C GLU C 12 -8.96 7.49 -1.67
N LEU C 13 -9.05 8.27 -0.63
CA LEU C 13 -8.11 9.37 -0.43
C LEU C 13 -6.66 8.86 -0.28
N LEU C 14 -6.45 7.85 0.54
CA LEU C 14 -5.13 7.29 0.73
C LEU C 14 -4.62 6.54 -0.51
N GLN C 15 -5.53 5.99 -1.29
CA GLN C 15 -5.15 5.33 -2.53
C GLN C 15 -4.44 6.30 -3.48
N GLY C 16 -4.99 7.49 -3.67
CA GLY C 16 -4.40 8.49 -4.57
C GLY C 16 -3.03 8.93 -4.12
N TYR C 17 -2.85 9.09 -2.81
CA TYR C 17 -1.52 9.30 -2.29
C TYR C 17 -0.61 8.13 -2.69
N THR C 18 -1.13 6.91 -2.54
CA THR C 18 -0.34 5.71 -2.77
C THR C 18 0.06 5.58 -4.24
N VAL C 19 -0.85 5.89 -5.14
CA VAL C 19 -0.61 5.85 -6.58
C VAL C 19 0.58 6.76 -6.94
N GLU C 20 0.58 7.97 -6.39
CA GLU C 20 1.63 8.92 -6.73
C GLU C 20 2.97 8.55 -6.14
N VAL C 21 2.96 7.94 -4.97
CA VAL C 21 4.23 7.54 -4.34
C VAL C 21 4.97 6.54 -5.24
N LEU C 22 4.20 5.63 -5.80
CA LEU C 22 4.75 4.68 -6.75
C LEU C 22 5.26 5.37 -8.01
N ARG C 23 4.53 6.36 -8.49
CA ARG C 23 4.92 7.08 -9.70
C ARG C 23 6.24 7.80 -9.55
N GLN C 24 6.34 8.56 -8.47
CA GLN C 24 7.40 9.56 -8.28
C GLN C 24 8.55 9.10 -7.42
N GLN C 25 8.39 8.02 -6.67
CA GLN C 25 9.40 7.51 -5.75
C GLN C 25 10.07 8.61 -4.90
N PRO C 26 9.30 9.36 -4.10
CA PRO C 26 9.91 10.33 -3.22
C PRO C 26 10.77 9.63 -2.15
N PRO C 27 11.88 10.26 -1.75
CA PRO C 27 12.73 9.64 -0.73
C PRO C 27 12.21 9.76 0.69
N ASP C 28 11.34 10.73 0.97
CA ASP C 28 10.75 10.92 2.28
C ASP C 28 9.24 10.90 2.07
N LEU C 29 8.63 9.82 2.58
CA LEU C 29 7.16 9.66 2.48
C LEU C 29 6.36 10.75 3.18
N VAL C 30 6.88 11.22 4.32
CA VAL C 30 6.20 12.19 5.16
C VAL C 30 6.18 13.55 4.47
N GLU C 31 7.35 13.97 3.97
CA GLU C 31 7.48 15.22 3.29
C GLU C 31 6.61 15.24 2.03
N PHE C 32 6.58 14.13 1.30
CA PHE C 32 5.71 14.03 0.12
C PHE C 32 4.25 14.08 0.51
N ALA C 33 3.92 13.47 1.63
CA ALA C 33 2.56 13.46 2.16
C ALA C 33 2.07 14.88 2.41
N VAL C 34 2.88 15.65 3.12
CA VAL C 34 2.62 17.04 3.38
C VAL C 34 2.52 17.80 2.06
N GLU C 35 3.43 17.50 1.13
CA GLU C 35 3.43 18.13 -0.17
C GLU C 35 2.15 17.80 -0.95
N TYR C 36 1.84 16.51 -1.04
CA TYR C 36 0.70 16.04 -1.84
C TYR C 36 -0.60 16.55 -1.29
N PHE C 37 -0.83 16.37 0.01
CA PHE C 37 -2.11 16.75 0.60
C PHE C 37 -2.29 18.26 0.71
N THR C 38 -1.19 18.99 0.89
CA THR C 38 -1.25 20.43 0.87
C THR C 38 -1.71 20.90 -0.49
N ARG C 39 -1.06 20.36 -1.55
CA ARG C 39 -1.46 20.69 -2.92
C ARG C 39 -2.85 20.19 -3.24
N LEU C 40 -3.19 19.05 -2.67
CA LEU C 40 -4.53 18.50 -2.79
C LEU C 40 -5.56 19.37 -2.08
N ARG C 41 -5.20 19.91 -0.91
CA ARG C 41 -6.12 20.80 -0.21
C ARG C 41 -6.31 22.06 -1.06
N GLU C 42 -5.21 22.59 -1.60
CA GLU C 42 -5.32 23.79 -2.40
C GLU C 42 -6.02 23.54 -3.71
N ALA C 43 -5.76 22.41 -4.32
CA ALA C 43 -6.37 22.14 -5.65
C ALA C 43 -7.84 21.91 -5.53
N ARG C 44 -8.22 21.13 -4.54
CA ARG C 44 -9.65 21.00 -4.34
C ARG C 44 -10.13 22.28 -3.70
N ASN C 45 -9.28 22.99 -2.99
CA ASN C 45 -9.66 24.25 -2.45
C ASN C 45 -9.89 25.18 -3.59
N LYS C 46 -8.99 25.16 -4.57
CA LYS C 46 -9.18 25.89 -5.82
C LYS C 46 -10.52 25.50 -6.40
N GLU C 47 -10.76 24.19 -6.57
CA GLU C 47 -12.04 23.69 -6.98
C GLU C 47 -13.21 24.21 -6.16
N GLN C 48 -13.06 24.32 -4.84
CA GLN C 48 -14.18 24.81 -4.04
C GLN C 48 -14.48 26.25 -4.29
N GLN C 49 -13.49 27.12 -4.15
CA GLN C 49 -13.70 28.52 -4.42
C GLN C 49 -14.13 28.77 -5.88
N ASN C 50 -13.78 27.84 -6.76
CA ASN C 50 -14.13 27.94 -8.14
C ASN C 50 -15.63 27.76 -8.37
N ALA C 51 -16.24 26.93 -7.55
CA ALA C 51 -17.66 26.68 -7.65
C ALA C 51 -18.46 27.33 -6.51
N PHE C 52 -17.76 28.01 -5.62
CA PHE C 52 -18.40 28.68 -4.50
C PHE C 52 -18.69 30.13 -4.82
N TYR C 53 -18.18 30.60 -5.95
CA TYR C 53 -18.37 31.98 -6.36
C TYR C 53 -19.45 32.12 -7.40
N GLU C 54 -19.73 31.06 -8.12
CA GLU C 54 -20.73 31.05 -9.15
C GLU C 54 -22.17 30.98 -8.64
N ILE C 55 -22.42 30.05 -7.71
CA ILE C 55 -23.68 29.96 -6.99
C ILE C 55 -24.05 31.30 -6.36
N LEU C 56 -23.05 32.02 -5.87
CA LEU C 56 -23.28 33.30 -5.26
C LEU C 56 -24.18 34.30 -6.03
N HIS C 57 -23.94 34.45 -7.33
CA HIS C 57 -24.65 35.44 -8.14
C HIS C 57 -25.36 34.82 -9.38
N LEU C 58 -25.74 33.57 -9.23
CA LEU C 58 -26.56 32.84 -10.21
C LEU C 58 -27.84 33.64 -10.04
N PRO C 59 -28.26 34.32 -11.13
CA PRO C 59 -29.29 35.37 -10.99
C PRO C 59 -30.73 34.90 -10.72
N ASN C 60 -31.09 33.70 -11.17
CA ASN C 60 -32.47 33.24 -11.06
C ASN C 60 -32.80 32.44 -9.80
N LEU C 61 -31.84 32.34 -8.87
CA LEU C 61 -32.07 31.65 -7.61
C LEU C 61 -32.69 32.66 -6.67
N ASN C 62 -33.76 32.30 -5.97
CA ASN C 62 -34.22 33.09 -4.82
C ASN C 62 -33.18 32.98 -3.71
N GLU C 63 -33.24 33.87 -2.74
CA GLU C 63 -32.36 33.86 -1.58
C GLU C 63 -32.28 32.55 -0.76
N GLU C 64 -33.41 31.87 -0.58
CA GLU C 64 -33.46 30.65 0.25
C GLU C 64 -32.73 29.43 -0.39
N GLN C 65 -32.76 29.38 -1.73
CA GLN C 65 -32.14 28.30 -2.49
C GLN C 65 -30.61 28.44 -2.52
N ARG C 66 -30.17 29.66 -2.89
CA ARG C 66 -28.77 30.09 -2.82
C ARG C 66 -28.16 29.77 -1.45
N ASN C 67 -28.89 30.07 -0.37
CA ASN C 67 -28.44 29.73 0.98
C ASN C 67 -28.31 28.22 1.24
N ALA C 68 -29.34 27.45 0.87
CA ALA C 68 -29.30 25.98 1.03
C ALA C 68 -28.07 25.35 0.34
N PHE C 69 -27.82 25.79 -0.90
CA PHE C 69 -26.74 25.25 -1.73
C PHE C 69 -25.40 25.66 -1.15
N ILE C 70 -25.31 26.92 -0.73
CA ILE C 70 -24.07 27.46 -0.16
C ILE C 70 -23.81 26.79 1.18
N GLN C 71 -24.88 26.60 1.94
CA GLN C 71 -24.78 25.88 3.20
C GLN C 71 -24.29 24.42 3.00
N SER C 72 -24.86 23.74 2.01
CA SER C 72 -24.43 22.36 1.69
C SER C 72 -23.00 22.34 1.17
N LEU C 73 -22.62 23.43 0.50
CA LEU C 73 -21.30 23.52 -0.06
C LEU C 73 -20.21 23.67 0.99
N LYS C 74 -20.50 24.53 1.98
CA LYS C 74 -19.56 24.77 3.08
C LYS C 74 -19.44 23.53 3.95
N ASP C 75 -20.55 22.81 4.11
CA ASP C 75 -20.56 21.61 4.94
C ASP C 75 -19.92 20.40 4.29
N ASP C 76 -19.93 20.34 2.95
CA ASP C 76 -19.44 19.15 2.23
C ASP C 76 -18.73 19.50 0.92
N PRO C 77 -17.41 19.84 1.02
CA PRO C 77 -16.54 20.13 -0.11
C PRO C 77 -16.50 19.07 -1.20
N SER C 78 -16.65 17.81 -0.80
CA SER C 78 -16.61 16.67 -1.75
C SER C 78 -17.27 16.77 -3.13
N GLN C 79 -18.58 16.99 -3.14
CA GLN C 79 -19.34 17.07 -4.37
C GLN C 79 -19.29 18.54 -4.75
N SER C 80 -18.30 18.88 -5.57
CA SER C 80 -18.13 20.27 -6.02
C SER C 80 -18.91 20.45 -7.32
N ALA C 81 -18.80 19.49 -8.26
CA ALA C 81 -19.51 19.58 -9.52
C ALA C 81 -21.00 19.28 -9.30
N ASN C 82 -21.30 18.25 -8.49
CA ASN C 82 -22.69 17.83 -8.27
C ASN C 82 -23.53 18.96 -7.68
N LEU C 83 -22.98 19.63 -6.67
CA LEU C 83 -23.63 20.78 -6.04
C LEU C 83 -23.83 21.96 -6.98
N LEU C 84 -22.80 22.18 -7.80
CA LEU C 84 -22.81 23.26 -8.78
C LEU C 84 -23.83 22.97 -9.87
N ALA C 85 -23.85 21.72 -10.32
CA ALA C 85 -24.78 21.32 -11.39
C ALA C 85 -26.22 21.44 -10.94
N GLU C 86 -26.51 20.96 -9.72
CA GLU C 86 -27.86 21.01 -9.14
C GLU C 86 -28.37 22.46 -9.03
N ALA C 87 -27.47 23.37 -8.67
CA ALA C 87 -27.82 24.78 -8.55
C ALA C 87 -27.97 25.42 -9.91
N LYS C 88 -27.23 24.90 -10.91
CA LYS C 88 -27.34 25.41 -12.28
C LYS C 88 -28.58 24.85 -12.98
N LYS C 89 -28.87 23.57 -12.77
CA LYS C 89 -30.12 22.98 -13.27
C LYS C 89 -31.34 23.72 -12.71
N LEU C 90 -31.41 23.87 -11.38
CA LEU C 90 -32.52 24.60 -10.76
C LEU C 90 -32.53 26.09 -11.19
N ASN C 91 -31.37 26.61 -11.61
CA ASN C 91 -31.29 28.02 -11.98
C ASN C 91 -31.78 28.23 -13.39
N ASP C 92 -31.37 27.33 -14.29
CA ASP C 92 -31.71 27.39 -15.71
C ASP C 92 -33.23 27.26 -15.90
N ALA C 93 -33.81 26.25 -15.24
CA ALA C 93 -35.27 26.05 -15.12
C ALA C 93 -36.06 27.22 -14.54
N GLN C 94 -35.41 28.03 -13.70
CA GLN C 94 -36.03 29.18 -13.04
C GLN C 94 -35.91 30.48 -13.89
N ALA C 95 -35.47 30.37 -15.15
CA ALA C 95 -35.14 31.58 -15.93
C ALA C 95 -36.38 32.32 -16.41
N TRP D 4 13.21 0.15 -8.63
CA TRP D 4 11.75 0.39 -8.62
C TRP D 4 11.13 -0.61 -7.65
N GLN D 5 10.68 -0.13 -6.50
CA GLN D 5 10.09 -0.98 -5.49
C GLN D 5 8.93 -0.32 -4.77
N ILE D 6 8.46 -0.97 -3.70
CA ILE D 6 7.40 -0.43 -2.88
C ILE D 6 7.95 0.01 -1.54
N PRO D 7 8.02 1.32 -1.34
CA PRO D 7 8.61 1.99 -0.23
C PRO D 7 8.27 1.38 1.10
N PRO D 8 9.28 0.89 1.81
CA PRO D 8 9.03 0.24 3.11
C PRO D 8 8.56 1.30 4.07
N GLY D 9 7.65 0.94 4.95
CA GLY D 9 7.11 1.93 5.89
C GLY D 9 5.91 2.70 5.38
N LEU D 10 5.52 2.47 4.12
CA LEU D 10 4.26 2.97 3.60
C LEU D 10 3.06 2.50 4.41
N THR D 11 3.11 1.24 4.86
CA THR D 11 2.06 0.68 5.68
C THR D 11 1.88 1.40 7.01
N GLU D 12 2.94 1.61 7.74
CA GLU D 12 2.91 2.23 9.06
C GLU D 12 2.47 3.65 8.92
N LEU D 13 2.93 4.36 7.89
CA LEU D 13 2.52 5.75 7.70
C LEU D 13 0.99 5.85 7.48
N LEU D 14 0.48 5.06 6.56
CA LEU D 14 -0.92 5.11 6.22
C LEU D 14 -1.80 4.49 7.27
N GLN D 15 -1.28 3.48 7.96
CA GLN D 15 -2.02 2.85 9.04
C GLN D 15 -2.22 3.86 10.15
N GLY D 16 -1.18 4.59 10.52
CA GLY D 16 -1.27 5.55 11.62
C GLY D 16 -2.24 6.65 11.36
N TYR D 17 -2.27 7.21 10.17
CA TYR D 17 -3.23 8.25 9.85
C TYR D 17 -4.63 7.76 10.04
N THR D 18 -4.93 6.54 9.61
CA THR D 18 -6.29 5.99 9.74
C THR D 18 -6.69 5.87 11.20
N VAL D 19 -5.77 5.42 12.05
CA VAL D 19 -6.00 5.30 13.46
C VAL D 19 -6.45 6.64 14.08
N GLU D 20 -5.73 7.68 13.75
CA GLU D 20 -5.99 9.00 14.33
C GLU D 20 -7.29 9.59 13.82
N VAL D 21 -7.65 9.30 12.58
CA VAL D 21 -8.94 9.71 12.04
C VAL D 21 -10.05 9.05 12.85
N LEU D 22 -9.85 7.76 13.20
CA LEU D 22 -10.85 7.10 14.01
C LEU D 22 -10.93 7.71 15.41
N ARG D 23 -9.80 8.08 15.97
CA ARG D 23 -9.77 8.67 17.31
C ARG D 23 -10.53 9.97 17.39
N GLN D 24 -10.24 10.88 16.46
CA GLN D 24 -10.69 12.28 16.56
C GLN D 24 -11.91 12.62 15.74
N GLN D 25 -12.26 11.80 14.76
CA GLN D 25 -13.36 12.10 13.84
C GLN D 25 -13.37 13.54 13.31
N PRO D 26 -12.29 13.94 12.62
CA PRO D 26 -12.29 15.24 11.96
C PRO D 26 -13.35 15.29 10.85
N PRO D 27 -13.95 16.47 10.65
CA PRO D 27 -14.93 16.63 9.57
C PRO D 27 -14.35 16.64 8.16
N ASP D 28 -13.07 17.00 8.02
CA ASP D 28 -12.44 17.07 6.71
C ASP D 28 -11.19 16.20 6.73
N LEU D 29 -11.27 15.10 5.98
CA LEU D 29 -10.15 14.16 5.87
C LEU D 29 -8.89 14.75 5.26
N VAL D 30 -9.05 15.63 4.29
CA VAL D 30 -7.91 16.26 3.61
C VAL D 30 -7.26 17.26 4.55
N GLU D 31 -8.07 18.10 5.20
CA GLU D 31 -7.56 19.08 6.14
C GLU D 31 -6.84 18.36 7.30
N PHE D 32 -7.42 17.28 7.79
CA PHE D 32 -6.77 16.50 8.85
C PHE D 32 -5.50 15.84 8.38
N ALA D 33 -5.46 15.47 7.11
CA ALA D 33 -4.27 14.87 6.51
C ALA D 33 -3.09 15.84 6.60
N VAL D 34 -3.32 17.08 6.18
CA VAL D 34 -2.25 18.07 6.22
C VAL D 34 -1.74 18.28 7.65
N GLU D 35 -2.68 18.34 8.59
CA GLU D 35 -2.34 18.56 10.01
C GLU D 35 -1.54 17.39 10.57
N TYR D 36 -1.98 16.15 10.29
CA TYR D 36 -1.35 14.97 10.84
C TYR D 36 0.10 14.83 10.39
N PHE D 37 0.30 14.92 9.09
CA PHE D 37 1.63 14.70 8.51
C PHE D 37 2.58 15.85 8.79
N THR D 38 2.06 17.07 8.89
CA THR D 38 2.89 18.20 9.29
C THR D 38 3.42 17.97 10.70
N ARG D 39 2.53 17.60 11.61
CA ARG D 39 2.94 17.29 12.99
C ARG D 39 3.79 16.07 13.06
N LEU D 40 3.53 15.12 12.19
CA LEU D 40 4.40 13.96 12.05
C LEU D 40 5.78 14.35 11.51
N ARG D 41 5.82 15.29 10.58
CA ARG D 41 7.10 15.79 10.09
C ARG D 41 7.87 16.46 11.22
N GLU D 42 7.17 17.26 12.00
CA GLU D 42 7.77 17.90 13.18
C GLU D 42 8.13 16.85 14.25
N ALA D 43 7.37 15.78 14.34
CA ALA D 43 7.57 14.80 15.42
C ALA D 43 8.79 14.05 15.18
N ARG D 44 8.99 13.88 13.90
CA ARG D 44 10.12 13.25 13.44
C ARG D 44 11.32 14.10 13.71
N ASN D 45 11.17 15.42 13.72
CA ASN D 45 12.36 16.22 13.96
C ASN D 45 12.65 16.00 15.42
N LYS D 46 11.62 16.10 16.25
CA LYS D 46 11.76 15.86 17.65
C LYS D 46 12.37 14.49 17.89
N GLU D 47 11.82 13.46 17.31
CA GLU D 47 12.39 12.14 17.50
C GLU D 47 13.80 11.99 17.00
N GLN D 48 14.25 12.73 16.00
CA GLN D 48 15.61 12.59 15.55
C GLN D 48 16.53 13.33 16.42
N GLN D 49 16.22 14.57 16.76
CA GLN D 49 17.13 15.30 17.63
C GLN D 49 17.53 14.41 18.79
N ASN D 50 16.56 13.88 19.52
CA ASN D 50 16.82 13.06 20.68
C ASN D 50 17.75 11.91 20.52
N ALA D 51 17.69 11.24 19.39
CA ALA D 51 18.54 10.13 19.18
C ALA D 51 19.97 10.60 19.20
N PHE D 52 20.26 11.60 18.39
CA PHE D 52 21.60 12.15 18.20
C PHE D 52 22.35 12.30 19.48
N TYR D 53 21.75 13.00 20.43
CA TYR D 53 22.36 13.18 21.71
C TYR D 53 22.56 11.84 22.36
N GLU D 54 21.48 11.15 22.69
CA GLU D 54 21.72 9.93 23.48
C GLU D 54 22.98 9.21 23.04
N ILE D 55 23.06 8.91 21.75
CA ILE D 55 24.26 8.37 21.13
C ILE D 55 25.48 9.22 21.41
N LEU D 56 25.27 10.54 21.44
CA LEU D 56 26.37 11.43 21.77
C LEU D 56 26.90 11.16 23.17
N HIS D 57 26.01 10.76 24.07
CA HIS D 57 26.30 10.64 25.49
C HIS D 57 26.48 9.19 25.99
N LEU D 58 26.40 8.20 25.08
CA LEU D 58 26.60 6.81 25.44
C LEU D 58 28.02 6.59 25.87
N PRO D 59 28.22 6.19 27.15
CA PRO D 59 29.57 6.23 27.74
C PRO D 59 30.55 5.15 27.24
N ASN D 60 30.06 3.98 26.84
CA ASN D 60 30.93 2.86 26.50
C ASN D 60 31.29 2.76 25.01
N LEU D 61 30.88 3.74 24.21
CA LEU D 61 31.20 3.75 22.78
C LEU D 61 32.58 4.31 22.53
N ASN D 62 33.33 3.67 21.61
CA ASN D 62 34.56 4.27 21.05
C ASN D 62 34.22 5.55 20.29
N GLU D 63 35.17 6.47 20.17
CA GLU D 63 35.00 7.64 19.33
C GLU D 63 34.65 7.29 17.86
N GLU D 64 35.19 6.19 17.32
CA GLU D 64 34.96 5.82 15.93
C GLU D 64 33.55 5.25 15.70
N GLN D 65 33.00 4.60 16.73
CA GLN D 65 31.66 3.99 16.66
C GLN D 65 30.57 5.07 16.76
N ARG D 66 30.71 5.92 17.79
CA ARG D 66 29.91 7.14 17.98
C ARG D 66 29.83 7.95 16.68
N ASN D 67 30.97 8.15 16.02
CA ASN D 67 30.99 8.84 14.72
C ASN D 67 30.23 8.13 13.61
N ALA D 68 30.47 6.82 13.45
CA ALA D 68 29.75 6.04 12.41
C ALA D 68 28.23 6.13 12.56
N PHE D 69 27.76 5.99 13.81
CA PHE D 69 26.33 6.00 14.11
C PHE D 69 25.75 7.39 13.90
N ILE D 70 26.50 8.39 14.33
CA ILE D 70 26.09 9.80 14.20
C ILE D 70 26.10 10.18 12.73
N GLN D 71 27.12 9.72 12.02
CA GLN D 71 27.19 9.91 10.58
C GLN D 71 25.98 9.26 9.84
N SER D 72 25.64 8.03 10.22
CA SER D 72 24.48 7.35 9.64
C SER D 72 23.18 8.05 10.03
N LEU D 73 23.20 8.65 11.20
CA LEU D 73 22.03 9.33 11.69
C LEU D 73 21.73 10.61 10.94
N LYS D 74 22.79 11.37 10.68
CA LYS D 74 22.67 12.63 9.93
C LYS D 74 22.27 12.34 8.48
N ASP D 75 22.79 11.25 7.93
CA ASP D 75 22.48 10.88 6.56
C ASP D 75 21.08 10.30 6.36
N ASP D 76 20.53 9.66 7.38
CA ASP D 76 19.26 8.93 7.25
C ASP D 76 18.40 9.02 8.52
N PRO D 77 17.61 10.11 8.64
CA PRO D 77 16.66 10.32 9.71
C PRO D 77 15.63 9.21 9.91
N SER D 78 15.26 8.54 8.83
CA SER D 78 14.13 7.60 8.84
C SER D 78 14.23 6.44 9.85
N GLN D 79 15.40 5.83 9.95
CA GLN D 79 15.66 4.76 10.90
C GLN D 79 16.60 5.25 12.00
N SER D 80 16.15 6.32 12.63
CA SER D 80 16.84 6.92 13.78
C SER D 80 16.57 5.96 14.94
N ALA D 81 15.42 5.30 14.91
CA ALA D 81 15.09 4.25 15.89
C ALA D 81 15.98 3.02 15.63
N ASN D 82 16.17 2.68 14.35
CA ASN D 82 17.10 1.59 13.99
C ASN D 82 18.52 1.84 14.53
N LEU D 83 18.98 3.09 14.44
CA LEU D 83 20.35 3.45 14.81
C LEU D 83 20.58 3.54 16.31
N LEU D 84 19.59 4.09 17.01
CA LEU D 84 19.60 4.23 18.47
C LEU D 84 19.61 2.86 19.13
N ALA D 85 18.85 1.92 18.56
CA ALA D 85 18.79 0.55 19.08
C ALA D 85 20.15 -0.12 18.92
N GLU D 86 20.73 -0.04 17.72
CA GLU D 86 22.01 -0.68 17.40
C GLU D 86 23.15 -0.09 18.25
N ALA D 87 23.08 1.21 18.50
CA ALA D 87 24.13 1.89 19.27
C ALA D 87 24.01 1.55 20.75
N LYS D 88 22.79 1.29 21.21
CA LYS D 88 22.57 0.88 22.60
C LYS D 88 22.94 -0.58 22.84
N LYS D 89 22.58 -1.45 21.89
CA LYS D 89 23.01 -2.85 21.95
C LYS D 89 24.56 -2.95 21.96
N LEU D 90 25.22 -2.30 21.00
CA LEU D 90 26.69 -2.29 20.98
C LEU D 90 27.28 -1.60 22.22
N ASN D 91 26.51 -0.73 22.86
CA ASN D 91 27.01 0.02 24.01
C ASN D 91 26.91 -0.82 25.27
N ASP D 92 25.79 -1.50 25.42
CA ASP D 92 25.50 -2.34 26.58
C ASP D 92 26.50 -3.49 26.68
N ALA D 93 26.70 -4.18 25.54
CA ALA D 93 27.75 -5.20 25.35
C ALA D 93 29.19 -4.72 25.62
N GLN D 94 29.44 -3.44 25.42
CA GLN D 94 30.77 -2.83 25.62
C GLN D 94 30.98 -2.35 27.07
N ALA D 95 30.08 -2.71 28.00
CA ALA D 95 30.14 -2.17 29.36
C ALA D 95 31.24 -2.89 30.15
#